data_9GBT
#
_entry.id   9GBT
#
_cell.length_a   38.044
_cell.length_b   76.936
_cell.length_c   59.619
_cell.angle_alpha   90.000
_cell.angle_beta   91.234
_cell.angle_gamma   90.000
#
_symmetry.space_group_name_H-M   'P 1 21 1'
#
loop_
_entity.id
_entity.type
_entity.pdbx_description
1 polymer 'Retroaldolase 13 (RAD13)'
2 non-polymer 'ACETATE ION'
3 non-polymer GLYCEROL
4 non-polymer 'SODIUM ION'
5 water water
#
_entity_poly.entity_id   1
_entity_poly.type   'polypeptide(L)'
_entity_poly.pdbx_seq_one_letter_code
;SGMEKALEAARKAIEEHPEEAKEVAELNKKAGEIVKEAGSYEEVAKKVLELAREGKLSDDAIIAAAKGLAYDEEGQEVAL
KTAEEARKAAEESSGKGKERLTLLSFLLRLQVRLTRESEDDEGYLTLATVYWLAAKIAKKKLEEDPSASTDLEGIEKAFE
EGLEEAKKAPEEEILKAGFDYFEKAKEIMEKGNKELRELLFK
;
_entity_poly.pdbx_strand_id   A,B
#
# COMPACT_ATOMS: atom_id res chain seq x y z
N GLY A 2 13.60 8.43 10.28
CA GLY A 2 14.52 7.80 11.20
C GLY A 2 14.73 6.32 10.94
N MET A 3 14.12 5.82 9.87
CA MET A 3 14.28 4.41 9.51
C MET A 3 15.74 4.08 9.22
N GLU A 4 16.50 5.04 8.69
CA GLU A 4 17.89 4.77 8.34
C GLU A 4 18.71 4.37 9.56
N LYS A 5 18.63 5.16 10.62
CA LYS A 5 19.44 4.86 11.81
C LYS A 5 18.98 3.60 12.51
N ALA A 6 17.68 3.28 12.42
CA ALA A 6 17.19 2.04 13.02
C ALA A 6 17.71 0.82 12.25
N LEU A 7 17.77 0.92 10.91
CA LEU A 7 18.37 -0.15 10.14
C LEU A 7 19.84 -0.33 10.48
N GLU A 8 20.54 0.75 10.85
CA GLU A 8 21.95 0.63 11.22
C GLU A 8 22.13 -0.17 12.49
N ALA A 9 21.21 -0.02 13.45
CA ALA A 9 21.30 -0.80 14.69
C ALA A 9 20.87 -2.24 14.48
N ALA A 10 19.96 -2.48 13.53
CA ALA A 10 19.60 -3.86 13.21
C ALA A 10 20.75 -4.59 12.53
N ARG A 11 21.54 -3.87 11.72
CA ARG A 11 22.68 -4.49 11.04
C ARG A 11 23.80 -4.82 12.02
N LYS A 12 23.98 -4.01 13.07
CA LYS A 12 24.96 -4.35 14.09
C LYS A 12 24.62 -5.64 14.81
N ALA A 13 23.33 -5.85 15.13
CA ALA A 13 22.92 -7.08 15.78
C ALA A 13 23.19 -8.30 14.90
N ILE A 14 22.92 -8.17 13.60
CA ILE A 14 23.22 -9.24 12.65
C ILE A 14 24.72 -9.49 12.59
N GLU A 15 25.54 -8.45 12.75
CA GLU A 15 26.99 -8.64 12.71
C GLU A 15 27.52 -9.12 14.05
N GLU A 16 26.83 -8.82 15.14
CA GLU A 16 27.27 -9.26 16.46
C GLU A 16 26.79 -10.66 16.81
N HIS A 17 25.70 -11.13 16.21
CA HIS A 17 25.23 -12.51 16.35
C HIS A 17 24.93 -13.08 14.97
N PRO A 18 25.98 -13.26 14.15
CA PRO A 18 25.72 -13.74 12.77
C PRO A 18 25.19 -15.16 12.73
N GLU A 19 25.63 -16.04 13.63
CA GLU A 19 25.15 -17.41 13.61
C GLU A 19 23.65 -17.50 13.90
N GLU A 20 23.15 -16.65 14.81
CA GLU A 20 21.72 -16.67 15.09
C GLU A 20 20.91 -16.07 13.94
N ALA A 21 21.37 -14.93 13.41
CA ALA A 21 20.67 -14.29 12.31
C ALA A 21 20.67 -15.14 11.05
N LYS A 22 21.74 -15.90 10.81
CA LYS A 22 21.74 -16.79 9.65
C LYS A 22 20.81 -17.98 9.86
N GLU A 23 20.64 -18.42 11.10
CA GLU A 23 19.69 -19.48 11.37
C GLU A 23 18.26 -19.02 11.10
N VAL A 24 17.92 -17.80 11.55
CA VAL A 24 16.60 -17.25 11.27
C VAL A 24 16.36 -17.16 9.77
N ALA A 25 17.35 -16.66 9.02
CA ALA A 25 17.22 -16.50 7.59
C ALA A 25 17.05 -17.85 6.89
N GLU A 26 17.70 -18.89 7.40
CA GLU A 26 17.50 -20.22 6.83
C GLU A 26 16.19 -20.85 7.27
N LEU A 27 15.75 -20.58 8.50
CA LEU A 27 14.43 -21.03 8.91
C LEU A 27 13.34 -20.34 8.10
N ASN A 28 13.59 -19.12 7.64
CA ASN A 28 12.61 -18.40 6.82
C ASN A 28 12.52 -19.01 5.43
N LYS A 29 13.67 -19.37 4.83
CA LYS A 29 13.61 -20.01 3.53
C LYS A 29 13.01 -21.40 3.62
N LYS A 30 13.23 -22.10 4.73
CA LYS A 30 12.60 -23.40 4.92
C LYS A 30 11.08 -23.28 4.93
N ALA A 31 10.55 -22.28 5.64
CA ALA A 31 9.10 -22.03 5.62
C ALA A 31 8.61 -21.77 4.20
N GLY A 32 9.40 -21.02 3.41
CA GLY A 32 9.05 -20.81 2.02
C GLY A 32 9.03 -22.08 1.21
N GLU A 33 9.95 -23.00 1.52
CA GLU A 33 9.99 -24.28 0.80
C GLU A 33 8.81 -25.15 1.20
N ILE A 34 8.50 -25.22 2.50
CA ILE A 34 7.39 -26.04 2.96
C ILE A 34 6.09 -25.62 2.29
N VAL A 35 5.87 -24.30 2.16
CA VAL A 35 4.62 -23.84 1.57
C VAL A 35 4.64 -24.00 0.06
N LYS A 36 5.78 -23.73 -0.58
CA LYS A 36 5.89 -23.87 -2.02
C LYS A 36 5.71 -25.32 -2.45
N GLU A 37 6.22 -26.27 -1.67
CA GLU A 37 6.23 -27.68 -2.04
C GLU A 37 4.99 -28.42 -1.59
N ALA A 38 4.19 -27.85 -0.70
CA ALA A 38 2.96 -28.50 -0.27
C ALA A 38 1.88 -28.49 -1.34
N GLY A 39 2.11 -27.82 -2.45
CA GLY A 39 1.17 -27.75 -3.54
C GLY A 39 1.14 -26.35 -4.12
N SER A 40 0.09 -26.06 -4.87
CA SER A 40 -0.07 -24.72 -5.43
C SER A 40 -0.27 -23.70 -4.31
N TYR A 41 0.01 -22.44 -4.64
CA TYR A 41 -0.13 -21.38 -3.65
C TYR A 41 -1.60 -21.14 -3.28
N GLU A 42 -2.51 -21.39 -4.22
CA GLU A 42 -3.94 -21.29 -3.89
C GLU A 42 -4.41 -22.48 -3.07
N GLU A 43 -3.86 -23.67 -3.33
CA GLU A 43 -4.20 -24.85 -2.55
C GLU A 43 -3.72 -24.70 -1.10
N VAL A 44 -2.48 -24.28 -0.93
CA VAL A 44 -1.90 -24.19 0.41
C VAL A 44 -2.59 -23.09 1.21
N ALA A 45 -2.87 -21.95 0.57
CA ALA A 45 -3.48 -20.82 1.28
C ALA A 45 -4.88 -21.17 1.78
N LYS A 46 -5.68 -21.79 0.92
CA LYS A 46 -6.99 -22.26 1.35
C LYS A 46 -6.86 -23.26 2.50
N LYS A 47 -5.95 -24.23 2.34
CA LYS A 47 -5.67 -25.18 3.41
C LYS A 47 -5.21 -24.48 4.69
N VAL A 48 -4.29 -23.51 4.57
CA VAL A 48 -3.78 -22.82 5.75
C VAL A 48 -4.89 -22.03 6.42
N LEU A 49 -5.74 -21.38 5.63
CA LEU A 49 -6.87 -20.65 6.20
C LEU A 49 -7.82 -21.59 6.94
N GLU A 50 -8.17 -22.72 6.32
CA GLU A 50 -9.10 -23.66 6.95
C GLU A 50 -8.54 -24.21 8.26
N LEU A 51 -7.29 -24.66 8.25
CA LEU A 51 -6.69 -25.19 9.47
C LEU A 51 -6.62 -24.12 10.54
N ALA A 52 -6.42 -22.85 10.15
CA ALA A 52 -6.39 -21.77 11.14
C ALA A 52 -7.78 -21.50 11.67
N ARG A 53 -8.78 -21.51 10.80
CA ARG A 53 -10.16 -21.29 11.24
C ARG A 53 -10.64 -22.40 12.17
N GLU A 54 -10.11 -23.61 12.03
CA GLU A 54 -10.51 -24.74 12.86
C GLU A 54 -9.64 -24.91 14.10
N GLY A 55 -8.81 -23.91 14.42
CA GLY A 55 -7.97 -23.97 15.60
C GLY A 55 -6.88 -25.01 15.56
N LYS A 56 -6.53 -25.51 14.39
CA LYS A 56 -5.50 -26.54 14.28
C LYS A 56 -4.10 -26.00 14.06
N LEU A 57 -3.95 -24.75 13.63
CA LEU A 57 -2.64 -24.12 13.45
C LEU A 57 -2.31 -23.30 14.69
N SER A 58 -1.18 -23.60 15.33
CA SER A 58 -0.78 -22.83 16.49
C SER A 58 -0.24 -21.48 16.05
N ASP A 59 0.06 -20.62 17.02
CA ASP A 59 0.56 -19.29 16.70
C ASP A 59 1.87 -19.37 15.94
N ASP A 60 2.72 -20.34 16.28
CA ASP A 60 4.01 -20.46 15.60
C ASP A 60 3.85 -21.00 14.18
N ALA A 61 2.89 -21.90 13.96
CA ALA A 61 2.65 -22.39 12.61
C ALA A 61 1.95 -21.35 11.73
N ILE A 62 1.25 -20.38 12.33
CA ILE A 62 0.68 -19.30 11.55
C ILE A 62 1.76 -18.31 11.13
N ILE A 63 2.69 -18.01 12.04
CA ILE A 63 3.84 -17.18 11.70
C ILE A 63 4.61 -17.80 10.54
N ALA A 64 4.88 -19.11 10.63
CA ALA A 64 5.66 -19.76 9.59
C ALA A 64 4.91 -19.80 8.27
N ALA A 65 3.60 -20.05 8.30
CA ALA A 65 2.83 -20.11 7.06
C ALA A 65 2.73 -18.73 6.41
N ALA A 66 2.58 -17.67 7.22
CA ALA A 66 2.47 -16.33 6.66
C ALA A 66 3.76 -15.93 5.96
N LYS A 67 4.90 -16.27 6.56
CA LYS A 67 6.17 -16.03 5.88
C LYS A 67 6.25 -16.82 4.57
N GLY A 68 5.99 -18.12 4.64
CA GLY A 68 6.13 -18.96 3.46
C GLY A 68 5.22 -18.55 2.32
N LEU A 69 4.02 -18.06 2.63
CA LEU A 69 3.09 -17.66 1.59
C LEU A 69 3.43 -16.31 0.98
N ALA A 70 4.27 -15.52 1.64
CA ALA A 70 4.59 -14.17 1.19
C ALA A 70 6.02 -14.04 0.66
N TYR A 71 6.77 -15.13 0.58
CA TYR A 71 8.14 -15.08 0.08
C TYR A 71 8.22 -15.29 -1.41
N ASP A 72 7.10 -15.13 -2.11
CA ASP A 72 7.06 -15.24 -3.55
C ASP A 72 6.22 -14.09 -4.09
N GLU A 73 6.71 -13.47 -5.17
CA GLU A 73 6.00 -12.32 -5.76
C GLU A 73 4.60 -12.73 -6.19
N GLU A 74 4.48 -13.82 -6.94
CA GLU A 74 3.17 -14.34 -7.29
C GLU A 74 2.39 -14.76 -6.05
N GLY A 75 3.09 -15.27 -5.04
CA GLY A 75 2.45 -15.61 -3.78
C GLY A 75 1.92 -14.40 -3.04
N GLN A 76 2.54 -13.24 -3.23
CA GLN A 76 2.08 -12.02 -2.55
C GLN A 76 0.64 -11.69 -2.90
N GLU A 77 0.24 -11.89 -4.15
CA GLU A 77 -1.15 -11.69 -4.51
C GLU A 77 -2.06 -12.69 -3.79
N VAL A 78 -1.64 -13.95 -3.73
CA VAL A 78 -2.42 -14.95 -3.02
C VAL A 78 -2.43 -14.65 -1.52
N ALA A 79 -1.28 -14.24 -0.98
CA ALA A 79 -1.21 -13.95 0.45
C ALA A 79 -2.10 -12.77 0.82
N LEU A 80 -2.18 -11.76 -0.05
CA LEU A 80 -3.06 -10.62 0.21
C LEU A 80 -4.52 -11.04 0.13
N LYS A 81 -4.86 -11.91 -0.83
CA LYS A 81 -6.22 -12.43 -0.94
C LYS A 81 -6.59 -13.24 0.30
N THR A 82 -5.66 -14.07 0.78
CA THR A 82 -5.91 -14.87 1.98
C THR A 82 -6.00 -13.99 3.23
N ALA A 83 -5.35 -12.83 3.21
CA ALA A 83 -5.45 -11.92 4.35
C ALA A 83 -6.86 -11.34 4.48
N GLU A 84 -7.44 -10.89 3.36
CA GLU A 84 -8.79 -10.34 3.41
C GLU A 84 -9.83 -11.42 3.70
N GLU A 85 -9.61 -12.63 3.18
CA GLU A 85 -10.49 -13.75 3.48
C GLU A 85 -10.40 -14.13 4.95
N ALA A 86 -9.21 -14.04 5.54
CA ALA A 86 -9.09 -14.34 6.96
C ALA A 86 -9.81 -13.30 7.80
N ARG A 87 -9.75 -12.02 7.40
CA ARG A 87 -10.46 -10.98 8.15
CA ARG A 87 -10.46 -10.99 8.16
C ARG A 87 -11.96 -11.11 8.00
N LYS A 88 -12.44 -11.45 6.79
CA LYS A 88 -13.87 -11.65 6.60
C LYS A 88 -14.35 -12.96 7.23
N ALA A 89 -13.46 -13.94 7.40
CA ALA A 89 -13.83 -15.15 8.12
C ALA A 89 -13.73 -14.94 9.62
N ALA A 90 -12.72 -14.17 10.08
CA ALA A 90 -12.60 -13.90 11.50
C ALA A 90 -13.76 -13.08 12.02
N GLU A 91 -14.33 -12.21 11.19
CA GLU A 91 -15.46 -11.40 11.64
C GLU A 91 -16.71 -12.25 11.83
N GLU A 92 -16.80 -13.37 11.11
CA GLU A 92 -17.91 -14.31 11.25
C GLU A 92 -17.52 -15.55 12.03
N SER A 93 -16.56 -15.40 12.95
CA SER A 93 -16.06 -16.49 13.77
C SER A 93 -16.02 -16.03 15.23
N SER A 94 -15.50 -16.91 16.09
CA SER A 94 -15.45 -16.67 17.52
C SER A 94 -14.27 -17.40 18.12
N GLY A 95 -13.89 -16.99 19.32
CA GLY A 95 -12.86 -17.70 20.07
C GLY A 95 -11.58 -17.88 19.27
N LYS A 96 -11.09 -19.12 19.23
CA LYS A 96 -9.84 -19.40 18.53
C LYS A 96 -9.96 -19.10 17.04
N GLY A 97 -11.11 -19.40 16.45
CA GLY A 97 -11.28 -19.13 15.03
C GLY A 97 -11.01 -17.68 14.67
N LYS A 98 -11.67 -16.76 15.38
CA LYS A 98 -11.43 -15.33 15.16
C LYS A 98 -10.00 -14.97 15.50
N GLU A 99 -9.50 -15.41 16.66
CA GLU A 99 -8.16 -15.04 17.11
C GLU A 99 -7.09 -15.55 16.15
N ARG A 100 -7.16 -16.82 15.76
CA ARG A 100 -6.14 -17.37 14.87
C ARG A 100 -6.18 -16.73 13.50
N LEU A 101 -7.38 -16.52 12.95
CA LEU A 101 -7.48 -15.88 11.64
C LEU A 101 -7.07 -14.40 11.67
N THR A 102 -7.18 -13.75 12.83
CA THR A 102 -6.77 -12.36 12.91
C THR A 102 -5.25 -12.25 12.84
N LEU A 103 -4.55 -13.10 13.58
CA LEU A 103 -3.10 -13.17 13.46
C LEU A 103 -2.68 -13.51 12.04
N LEU A 104 -3.34 -14.51 11.44
CA LEU A 104 -3.03 -14.89 10.06
C LEU A 104 -3.20 -13.72 9.11
N SER A 105 -4.30 -12.97 9.25
CA SER A 105 -4.53 -11.82 8.38
C SER A 105 -3.44 -10.78 8.56
N PHE A 106 -3.13 -10.45 9.80
CA PHE A 106 -2.11 -9.44 10.10
C PHE A 106 -0.74 -9.88 9.59
N LEU A 107 -0.34 -11.11 9.92
CA LEU A 107 1.00 -11.57 9.58
C LEU A 107 1.20 -11.72 8.08
N LEU A 108 0.15 -12.13 7.36
CA LEU A 108 0.25 -12.21 5.90
C LEU A 108 0.58 -10.85 5.32
N ARG A 109 -0.19 -9.83 5.68
CA ARG A 109 0.09 -8.50 5.14
C ARG A 109 1.42 -7.95 5.65
N LEU A 110 1.81 -8.29 6.88
CA LEU A 110 3.09 -7.78 7.37
C LEU A 110 4.24 -8.40 6.60
N GLN A 111 4.13 -9.68 6.27
CA GLN A 111 5.21 -10.36 5.54
C GLN A 111 5.26 -9.88 4.09
N VAL A 112 4.11 -9.62 3.48
CA VAL A 112 4.09 -9.06 2.13
C VAL A 112 4.72 -7.68 2.12
N ARG A 113 4.47 -6.89 3.16
CA ARG A 113 5.08 -5.57 3.28
C ARG A 113 6.61 -5.69 3.37
N LEU A 114 7.09 -6.51 4.30
CA LEU A 114 8.53 -6.74 4.42
C LEU A 114 9.14 -7.25 3.11
N THR A 115 8.45 -8.18 2.46
CA THR A 115 8.99 -8.76 1.24
C THR A 115 9.03 -7.74 0.12
N ARG A 116 8.05 -6.83 0.08
CA ARG A 116 8.02 -5.80 -0.94
C ARG A 116 9.03 -4.68 -0.66
N GLU A 117 9.34 -4.41 0.61
CA GLU A 117 10.24 -3.34 1.00
C GLU A 117 11.70 -3.80 1.13
N SER A 118 12.01 -5.00 0.66
CA SER A 118 13.37 -5.52 0.71
C SER A 118 13.72 -6.08 -0.66
N GLU A 119 15.01 -5.99 -1.01
CA GLU A 119 15.46 -6.42 -2.33
C GLU A 119 16.09 -7.81 -2.33
N ASP A 120 16.50 -8.31 -1.17
CA ASP A 120 16.98 -9.68 -1.05
C ASP A 120 16.69 -10.15 0.37
N ASP A 121 17.12 -11.38 0.67
CA ASP A 121 16.81 -11.99 1.96
C ASP A 121 17.57 -11.32 3.10
N GLU A 122 18.72 -10.72 2.81
CA GLU A 122 19.49 -10.04 3.84
C GLU A 122 18.89 -8.69 4.20
N GLY A 123 18.29 -7.99 3.22
CA GLY A 123 17.53 -6.79 3.53
C GLY A 123 16.25 -7.09 4.28
N TYR A 124 15.63 -8.24 3.97
CA TYR A 124 14.45 -8.67 4.73
C TYR A 124 14.80 -8.91 6.19
N LEU A 125 15.90 -9.60 6.45
CA LEU A 125 16.27 -9.91 7.82
C LEU A 125 16.50 -8.64 8.64
N THR A 126 17.09 -7.62 8.00
CA THR A 126 17.37 -6.36 8.70
C THR A 126 16.09 -5.59 8.99
N LEU A 127 15.19 -5.49 8.00
CA LEU A 127 13.94 -4.78 8.21
C LEU A 127 13.04 -5.52 9.21
N ALA A 128 13.01 -6.86 9.13
CA ALA A 128 12.20 -7.65 10.06
C ALA A 128 12.63 -7.44 11.50
N THR A 129 13.93 -7.18 11.73
CA THR A 129 14.40 -6.92 13.09
C THR A 129 13.74 -5.68 13.67
N VAL A 130 13.54 -4.64 12.85
CA VAL A 130 12.92 -3.42 13.34
C VAL A 130 11.42 -3.61 13.54
N TYR A 131 10.77 -4.37 12.66
CA TYR A 131 9.35 -4.67 12.82
C TYR A 131 9.09 -5.51 14.06
N TRP A 132 10.08 -6.30 14.50
CA TRP A 132 9.94 -7.08 15.72
C TRP A 132 9.83 -6.17 16.94
N LEU A 133 10.65 -5.12 17.01
CA LEU A 133 10.51 -4.15 18.08
C LEU A 133 9.16 -3.46 18.02
N ALA A 134 8.72 -3.10 16.81
CA ALA A 134 7.41 -2.48 16.64
C ALA A 134 6.30 -3.36 17.18
N ALA A 135 6.40 -4.67 16.97
CA ALA A 135 5.37 -5.59 17.45
C ALA A 135 5.30 -5.58 18.97
N LYS A 136 6.45 -5.68 19.64
CA LYS A 136 6.47 -5.59 21.10
C LYS A 136 5.85 -4.28 21.58
N ILE A 137 6.16 -3.17 20.90
CA ILE A 137 5.57 -1.90 21.28
C ILE A 137 4.08 -1.91 20.99
N ALA A 138 3.68 -2.56 19.89
CA ALA A 138 2.27 -2.69 19.55
C ALA A 138 1.53 -3.57 20.54
N LYS A 139 2.17 -4.67 20.98
CA LYS A 139 1.51 -5.58 21.91
C LYS A 139 1.20 -4.89 23.23
N LYS A 140 2.18 -4.19 23.79
CA LYS A 140 1.96 -3.45 25.04
C LYS A 140 0.81 -2.45 24.89
N LYS A 141 0.69 -1.82 23.72
CA LYS A 141 -0.42 -0.90 23.50
C LYS A 141 -1.75 -1.63 23.58
N LEU A 142 -1.80 -2.85 23.03
CA LEU A 142 -3.03 -3.63 23.11
C LEU A 142 -3.24 -4.20 24.50
N GLU A 143 -2.15 -4.50 25.23
CA GLU A 143 -2.30 -5.02 26.58
C GLU A 143 -2.74 -3.92 27.54
N GLU A 144 -2.17 -2.73 27.39
CA GLU A 144 -2.55 -1.61 28.25
C GLU A 144 -3.97 -1.16 27.96
N ASP A 145 -4.45 -1.35 26.74
CA ASP A 145 -5.80 -0.91 26.37
C ASP A 145 -6.61 -2.09 25.86
N PRO A 146 -7.42 -2.72 26.72
CA PRO A 146 -8.33 -3.79 26.25
C PRO A 146 -9.34 -3.30 25.22
N SER A 147 -9.89 -2.10 25.41
CA SER A 147 -10.82 -1.52 24.44
C SER A 147 -10.23 -1.45 23.03
N ALA A 148 -8.90 -1.42 22.90
CA ALA A 148 -8.28 -1.40 21.60
C ALA A 148 -8.76 -2.60 20.79
N SER A 149 -9.03 -2.35 19.50
CA SER A 149 -9.66 -3.35 18.65
C SER A 149 -8.72 -4.53 18.44
N THR A 150 -9.13 -5.70 18.94
CA THR A 150 -8.52 -6.96 18.54
C THR A 150 -8.71 -7.19 17.05
N ASP A 151 -9.63 -6.44 16.43
CA ASP A 151 -9.82 -6.43 14.99
C ASP A 151 -8.51 -6.15 14.27
N LEU A 152 -8.39 -6.70 13.07
CA LEU A 152 -7.21 -6.47 12.25
C LEU A 152 -6.94 -4.99 12.04
N GLU A 153 -8.00 -4.18 11.88
CA GLU A 153 -7.79 -2.76 11.67
C GLU A 153 -7.28 -2.06 12.94
N GLY A 154 -7.49 -2.66 14.11
CA GLY A 154 -7.02 -2.10 15.35
C GLY A 154 -5.59 -2.49 15.70
N ILE A 155 -5.21 -3.72 15.36
CA ILE A 155 -3.85 -4.19 15.59
C ILE A 155 -2.88 -3.47 14.67
N GLU A 156 -3.25 -3.30 13.40
CA GLU A 156 -2.39 -2.59 12.46
C GLU A 156 -2.15 -1.15 12.92
N LYS A 157 -3.17 -0.49 13.45
CA LYS A 157 -2.98 0.86 13.98
C LYS A 157 -2.03 0.84 15.17
N ALA A 158 -2.11 -0.20 16.01
CA ALA A 158 -1.14 -0.33 17.09
C ALA A 158 0.25 -0.63 16.55
N PHE A 159 0.32 -1.40 15.45
CA PHE A 159 1.62 -1.70 14.85
C PHE A 159 2.26 -0.44 14.26
N GLU A 160 1.47 0.34 13.51
CA GLU A 160 2.00 1.59 12.96
C GLU A 160 2.52 2.50 14.06
N GLU A 161 1.78 2.58 15.18
CA GLU A 161 2.25 3.39 16.29
C GLU A 161 3.52 2.80 16.89
N GLY A 162 3.61 1.47 16.95
CA GLY A 162 4.85 0.85 17.40
C GLY A 162 5.98 1.00 16.40
N LEU A 163 5.67 1.00 15.10
CA LEU A 163 6.70 1.19 14.10
C LEU A 163 7.27 2.60 14.13
N GLU A 164 6.40 3.61 14.30
CA GLU A 164 6.88 4.98 14.40
C GLU A 164 7.76 5.15 15.63
N GLU A 165 7.39 4.53 16.74
CA GLU A 165 8.21 4.62 17.95
C GLU A 165 9.48 3.79 17.84
N ALA A 166 9.50 2.77 16.98
CA ALA A 166 10.67 1.93 16.83
C ALA A 166 11.77 2.62 16.03
N LYS A 167 11.39 3.39 15.01
CA LYS A 167 12.36 4.12 14.21
C LYS A 167 13.14 5.12 15.05
N LYS A 168 12.58 5.58 16.16
CA LYS A 168 13.19 6.62 16.98
C LYS A 168 13.69 6.09 18.32
N ALA A 169 13.74 4.77 18.49
CA ALA A 169 14.29 4.19 19.69
C ALA A 169 15.82 4.34 19.72
N PRO A 170 16.41 4.32 20.91
CA PRO A 170 17.88 4.37 21.03
C PRO A 170 18.54 3.18 20.35
N GLU A 171 19.87 3.28 20.18
CA GLU A 171 20.63 2.24 19.53
C GLU A 171 20.59 0.94 20.33
N GLU A 172 20.80 1.02 21.66
CA GLU A 172 20.84 -0.18 22.47
C GLU A 172 19.47 -0.86 22.54
N GLU A 173 18.39 -0.09 22.45
CA GLU A 173 17.06 -0.70 22.48
C GLU A 173 16.82 -1.54 21.23
N ILE A 174 17.10 -0.99 20.05
CA ILE A 174 16.96 -1.76 18.82
C ILE A 174 17.95 -2.92 18.80
N LEU A 175 19.17 -2.69 19.30
CA LEU A 175 20.17 -3.74 19.35
C LEU A 175 19.70 -4.93 20.18
N LYS A 176 19.22 -4.67 21.40
CA LYS A 176 18.73 -5.75 22.24
C LYS A 176 17.49 -6.41 21.66
N ALA A 177 16.61 -5.62 21.04
CA ALA A 177 15.44 -6.19 20.37
C ALA A 177 15.84 -7.12 19.24
N GLY A 178 17.01 -6.88 18.62
CA GLY A 178 17.46 -7.76 17.55
C GLY A 178 17.95 -9.10 18.06
N PHE A 179 18.67 -9.10 19.19
CA PHE A 179 19.11 -10.37 19.78
C PHE A 179 17.93 -11.18 20.28
N ASP A 180 16.86 -10.52 20.73
CA ASP A 180 15.66 -11.24 21.14
C ASP A 180 14.93 -11.80 19.92
N TYR A 181 14.84 -11.01 18.85
CA TYR A 181 14.24 -11.51 17.63
C TYR A 181 14.94 -12.78 17.15
N PHE A 182 16.28 -12.76 17.14
CA PHE A 182 17.02 -13.95 16.73
C PHE A 182 16.69 -15.13 17.64
N GLU A 183 16.66 -14.88 18.95
CA GLU A 183 16.34 -15.93 19.92
C GLU A 183 14.93 -16.46 19.72
N LYS A 184 13.95 -15.56 19.67
CA LYS A 184 12.56 -15.99 19.60
C LYS A 184 12.23 -16.59 18.23
N ALA A 185 12.71 -15.96 17.15
CA ALA A 185 12.42 -16.47 15.81
C ALA A 185 12.98 -17.87 15.61
N LYS A 186 14.10 -18.19 16.26
CA LYS A 186 14.63 -19.55 16.14
C LYS A 186 13.64 -20.57 16.68
N GLU A 187 13.14 -20.35 17.90
CA GLU A 187 12.21 -21.29 18.51
C GLU A 187 10.90 -21.33 17.74
N ILE A 188 10.35 -20.17 17.41
CA ILE A 188 9.04 -20.11 16.76
C ILE A 188 9.09 -20.81 15.41
N MET A 189 10.15 -20.57 14.63
CA MET A 189 10.21 -21.13 13.29
C MET A 189 10.53 -22.62 13.32
N GLU A 190 11.28 -23.08 14.33
CA GLU A 190 11.56 -24.50 14.47
C GLU A 190 10.28 -25.28 14.74
N LYS A 191 9.45 -24.78 15.67
CA LYS A 191 8.17 -25.42 15.94
C LYS A 191 7.18 -25.19 14.81
N GLY A 192 7.20 -24.00 14.22
CA GLY A 192 6.26 -23.67 13.17
C GLY A 192 6.46 -24.48 11.92
N ASN A 193 7.72 -24.62 11.49
CA ASN A 193 7.99 -25.44 10.31
C ASN A 193 7.71 -26.90 10.57
N LYS A 194 8.06 -27.38 11.76
CA LYS A 194 7.75 -28.76 12.13
C LYS A 194 6.26 -29.03 12.06
N GLU A 195 5.45 -28.06 12.50
CA GLU A 195 4.00 -28.26 12.49
C GLU A 195 3.42 -28.12 11.08
N LEU A 196 3.89 -27.14 10.30
CA LEU A 196 3.41 -27.00 8.94
C LEU A 196 3.74 -28.23 8.11
N ARG A 197 4.90 -28.82 8.34
CA ARG A 197 5.32 -30.01 7.61
C ARG A 197 4.34 -31.16 7.81
N GLU A 198 3.96 -31.42 9.06
CA GLU A 198 3.05 -32.52 9.37
C GLU A 198 1.64 -32.27 8.83
N LEU A 199 1.19 -31.01 8.79
CA LEU A 199 -0.18 -30.70 8.39
C LEU A 199 -0.33 -30.52 6.89
N LEU A 200 0.71 -30.05 6.20
CA LEU A 200 0.60 -29.70 4.79
C LEU A 200 0.92 -30.85 3.86
N PHE A 201 1.55 -31.91 4.34
CA PHE A 201 1.89 -33.02 3.47
C PHE A 201 1.12 -34.28 3.88
N GLY B 2 -10.14 -5.83 -0.13
CA GLY B 2 -10.46 -5.10 1.09
C GLY B 2 -10.79 -3.64 0.85
N MET B 3 -10.83 -3.26 -0.43
CA MET B 3 -11.18 -1.88 -0.79
C MET B 3 -12.58 -1.52 -0.34
N GLU B 4 -13.46 -2.52 -0.23
CA GLU B 4 -14.86 -2.28 0.13
C GLU B 4 -14.97 -1.54 1.47
N LYS B 5 -14.27 -2.03 2.49
CA LYS B 5 -14.41 -1.44 3.82
C LYS B 5 -13.82 -0.03 3.89
N ALA B 6 -12.80 0.27 3.10
CA ALA B 6 -12.21 1.62 3.09
C ALA B 6 -13.15 2.63 2.44
N LEU B 7 -13.87 2.21 1.39
CA LEU B 7 -14.84 3.09 0.76
C LEU B 7 -15.93 3.51 1.74
N GLU B 8 -16.22 2.67 2.74
CA GLU B 8 -17.23 3.01 3.73
C GLU B 8 -16.82 4.24 4.53
N ALA B 9 -15.54 4.33 4.88
CA ALA B 9 -15.06 5.48 5.65
C ALA B 9 -14.92 6.73 4.82
N ALA B 10 -14.66 6.59 3.51
CA ALA B 10 -14.55 7.78 2.67
C ALA B 10 -15.89 8.49 2.52
N ARG B 11 -16.99 7.74 2.48
CA ARG B 11 -18.30 8.37 2.31
C ARG B 11 -18.74 9.15 3.54
N LYS B 12 -18.30 8.75 4.73
CA LYS B 12 -18.61 9.55 5.91
C LYS B 12 -18.01 10.94 5.78
N ALA B 13 -16.80 11.04 5.22
CA ALA B 13 -16.19 12.35 4.97
C ALA B 13 -17.04 13.15 3.99
N ILE B 14 -17.56 12.48 2.95
CA ILE B 14 -18.47 13.15 2.02
C ILE B 14 -19.75 13.58 2.73
N GLU B 15 -20.17 12.81 3.73
CA GLU B 15 -21.38 13.17 4.48
C GLU B 15 -21.10 14.23 5.53
N GLU B 16 -19.85 14.31 6.01
CA GLU B 16 -19.46 15.31 7.00
C GLU B 16 -19.04 16.64 6.40
N HIS B 17 -18.60 16.67 5.14
CA HIS B 17 -18.32 17.91 4.42
C HIS B 17 -18.94 17.81 3.01
N PRO B 18 -20.28 17.81 2.93
CA PRO B 18 -20.91 17.60 1.61
C PRO B 18 -20.68 18.74 0.64
N GLU B 19 -20.63 19.98 1.12
CA GLU B 19 -20.42 21.11 0.20
C GLU B 19 -19.04 21.02 -0.46
N GLU B 20 -18.04 20.52 0.27
CA GLU B 20 -16.70 20.39 -0.29
C GLU B 20 -16.64 19.29 -1.32
N ALA B 21 -17.24 18.13 -1.02
CA ALA B 21 -17.26 17.03 -1.97
C ALA B 21 -18.08 17.40 -3.20
N LYS B 22 -19.12 18.21 -3.03
CA LYS B 22 -19.88 18.65 -4.20
C LYS B 22 -19.08 19.64 -5.03
N GLU B 23 -18.24 20.46 -4.38
CA GLU B 23 -17.39 21.39 -5.12
C GLU B 23 -16.35 20.66 -5.96
N VAL B 24 -15.68 19.67 -5.37
CA VAL B 24 -14.69 18.88 -6.12
C VAL B 24 -15.35 18.21 -7.31
N ALA B 25 -16.56 17.66 -7.11
CA ALA B 25 -17.27 16.99 -8.20
C ALA B 25 -17.59 17.96 -9.33
N GLU B 26 -17.94 19.20 -9.00
CA GLU B 26 -18.21 20.18 -10.05
C GLU B 26 -16.92 20.68 -10.68
N LEU B 27 -15.86 20.83 -9.89
CA LEU B 27 -14.57 21.17 -10.46
C LEU B 27 -14.06 20.05 -11.37
N ASN B 28 -14.43 18.80 -11.06
CA ASN B 28 -14.01 17.69 -11.91
C ASN B 28 -14.79 17.67 -13.22
N LYS B 29 -16.10 17.90 -13.16
CA LYS B 29 -16.88 17.92 -14.39
C LYS B 29 -16.53 19.12 -15.26
N LYS B 30 -16.18 20.25 -14.65
CA LYS B 30 -15.75 21.40 -15.43
C LYS B 30 -14.49 21.08 -16.24
N ALA B 31 -13.53 20.37 -15.63
CA ALA B 31 -12.36 19.92 -16.37
C ALA B 31 -12.76 19.03 -17.54
N GLY B 32 -13.76 18.16 -17.35
CA GLY B 32 -14.25 17.35 -18.44
C GLY B 32 -14.87 18.18 -19.55
N GLU B 33 -15.57 19.26 -19.18
CA GLU B 33 -16.17 20.13 -20.18
C GLU B 33 -15.11 20.92 -20.93
N ILE B 34 -14.12 21.45 -20.22
CA ILE B 34 -13.04 22.22 -20.84
C ILE B 34 -12.31 21.38 -21.88
N VAL B 35 -12.07 20.11 -21.56
CA VAL B 35 -11.34 19.24 -22.49
C VAL B 35 -12.23 18.81 -23.65
N LYS B 36 -13.51 18.50 -23.37
CA LYS B 36 -14.42 18.08 -24.43
C LYS B 36 -14.63 19.19 -25.45
N GLU B 37 -14.73 20.43 -24.97
CA GLU B 37 -15.09 21.56 -25.81
C GLU B 37 -13.89 22.25 -26.46
N ALA B 38 -12.66 21.95 -26.02
CA ALA B 38 -11.48 22.52 -26.67
C ALA B 38 -11.20 21.90 -28.03
N GLY B 39 -11.93 20.87 -28.42
CA GLY B 39 -11.75 20.22 -29.70
C GLY B 39 -11.87 18.71 -29.54
N SER B 40 -11.38 17.99 -30.55
CA SER B 40 -11.37 16.54 -30.49
C SER B 40 -10.46 16.06 -29.36
N TYR B 41 -10.71 14.83 -28.89
CA TYR B 41 -9.92 14.29 -27.81
C TYR B 41 -8.48 14.01 -28.23
N GLU B 42 -8.27 13.68 -29.51
CA GLU B 42 -6.90 13.50 -29.97
C GLU B 42 -6.18 14.83 -30.18
N GLU B 43 -6.92 15.86 -30.63
CA GLU B 43 -6.31 17.18 -30.76
C GLU B 43 -5.91 17.72 -29.39
N VAL B 44 -6.80 17.64 -28.41
CA VAL B 44 -6.51 18.19 -27.09
C VAL B 44 -5.40 17.42 -26.41
N ALA B 45 -5.41 16.09 -26.53
CA ALA B 45 -4.41 15.27 -25.85
C ALA B 45 -3.01 15.56 -26.41
N LYS B 46 -2.89 15.59 -27.74
CA LYS B 46 -1.61 15.99 -28.33
C LYS B 46 -1.24 17.40 -27.91
N LYS B 47 -2.20 18.32 -27.93
CA LYS B 47 -1.97 19.66 -27.42
C LYS B 47 -1.48 19.63 -25.97
N VAL B 48 -2.10 18.78 -25.14
CA VAL B 48 -1.70 18.69 -23.74
C VAL B 48 -0.30 18.11 -23.62
N LEU B 49 0.00 17.05 -24.36
CA LEU B 49 1.33 16.47 -24.33
C LEU B 49 2.39 17.48 -24.76
N GLU B 50 2.10 18.24 -25.82
CA GLU B 50 3.04 19.24 -26.31
C GLU B 50 3.29 20.32 -25.25
N LEU B 51 2.21 20.85 -24.67
CA LEU B 51 2.35 21.91 -23.67
C LEU B 51 3.12 21.41 -22.43
N ALA B 52 2.93 20.15 -22.06
CA ALA B 52 3.64 19.62 -20.90
C ALA B 52 5.11 19.37 -21.23
N ARG B 53 5.39 18.84 -22.41
CA ARG B 53 6.77 18.61 -22.82
C ARG B 53 7.53 19.92 -22.98
N GLU B 54 6.80 21.00 -23.27
CA GLU B 54 7.37 22.33 -23.45
C GLU B 54 7.37 23.14 -22.15
N GLY B 55 7.10 22.50 -21.01
CA GLY B 55 7.13 23.22 -19.75
C GLY B 55 6.05 24.27 -19.62
N LYS B 56 5.00 24.20 -20.43
CA LYS B 56 3.93 25.19 -20.41
C LYS B 56 2.77 24.79 -19.52
N LEU B 57 2.67 23.51 -19.14
CA LEU B 57 1.63 23.04 -18.23
C LEU B 57 2.19 22.92 -16.81
N SER B 58 1.55 23.60 -15.86
CA SER B 58 1.94 23.48 -14.47
C SER B 58 1.39 22.18 -13.88
N ASP B 59 1.78 21.90 -12.62
CA ASP B 59 1.36 20.67 -11.97
C ASP B 59 -0.15 20.60 -11.85
N ASP B 60 -0.80 21.73 -11.54
CA ASP B 60 -2.24 21.74 -11.37
C ASP B 60 -2.97 21.60 -12.70
N ALA B 61 -2.43 22.16 -13.77
CA ALA B 61 -3.03 21.97 -15.08
C ALA B 61 -2.81 20.57 -15.61
N ILE B 62 -1.79 19.86 -15.11
CA ILE B 62 -1.61 18.46 -15.48
C ILE B 62 -2.65 17.59 -14.77
N ILE B 63 -2.88 17.86 -13.49
CA ILE B 63 -3.92 17.14 -12.76
C ILE B 63 -5.28 17.36 -13.41
N ALA B 64 -5.59 18.62 -13.77
CA ALA B 64 -6.89 18.93 -14.34
C ALA B 64 -7.07 18.32 -15.72
N ALA B 65 -6.03 18.37 -16.57
CA ALA B 65 -6.15 17.81 -17.92
C ALA B 65 -6.31 16.30 -17.89
N ALA B 66 -5.63 15.62 -16.97
CA ALA B 66 -5.76 14.17 -16.88
C ALA B 66 -7.17 13.76 -16.47
N LYS B 67 -7.78 14.50 -15.54
CA LYS B 67 -9.17 14.23 -15.17
C LYS B 67 -10.11 14.44 -16.35
N GLY B 68 -10.01 15.61 -17.00
CA GLY B 68 -10.92 15.95 -18.09
C GLY B 68 -10.84 14.99 -19.26
N LEU B 69 -9.65 14.47 -19.53
CA LEU B 69 -9.45 13.56 -20.66
C LEU B 69 -9.94 12.14 -20.38
N ALA B 70 -10.18 11.78 -19.13
CA ALA B 70 -10.53 10.41 -18.77
C ALA B 70 -11.99 10.24 -18.39
N TYR B 71 -12.81 11.29 -18.50
CA TYR B 71 -14.22 11.21 -18.15
C TYR B 71 -15.10 10.81 -19.32
N ASP B 72 -14.52 10.29 -20.40
CA ASP B 72 -15.26 9.78 -21.54
C ASP B 72 -14.59 8.50 -22.03
N GLU B 73 -15.40 7.54 -22.47
CA GLU B 73 -14.86 6.27 -22.95
C GLU B 73 -13.85 6.48 -24.07
N GLU B 74 -14.20 7.26 -25.09
CA GLU B 74 -13.24 7.56 -26.15
C GLU B 74 -12.03 8.30 -25.58
N GLY B 75 -12.26 9.18 -24.60
CA GLY B 75 -11.14 9.86 -23.97
C GLY B 75 -10.25 8.91 -23.20
N GLN B 76 -10.82 7.85 -22.63
CA GLN B 76 -10.01 6.85 -21.93
C GLN B 76 -9.02 6.19 -22.88
N GLU B 77 -9.48 5.86 -24.09
CA GLU B 77 -8.60 5.27 -25.09
C GLU B 77 -7.52 6.25 -25.53
N VAL B 78 -7.89 7.51 -25.74
CA VAL B 78 -6.90 8.52 -26.13
C VAL B 78 -5.96 8.83 -24.98
N ALA B 79 -6.48 8.91 -23.75
CA ALA B 79 -5.65 9.26 -22.60
C ALA B 79 -4.58 8.21 -22.33
N LEU B 80 -4.91 6.93 -22.53
CA LEU B 80 -3.94 5.87 -22.27
C LEU B 80 -2.77 5.93 -23.26
N LYS B 81 -3.05 6.17 -24.54
CA LYS B 81 -1.97 6.28 -25.52
C LYS B 81 -1.09 7.50 -25.26
N THR B 82 -1.69 8.62 -24.83
CA THR B 82 -0.90 9.81 -24.52
C THR B 82 -0.01 9.58 -23.31
N ALA B 83 -0.41 8.69 -22.39
CA ALA B 83 0.43 8.40 -21.24
C ALA B 83 1.72 7.70 -21.67
N GLU B 84 1.62 6.72 -22.56
CA GLU B 84 2.81 6.02 -23.02
C GLU B 84 3.70 6.95 -23.85
N GLU B 85 3.09 7.86 -24.61
CA GLU B 85 3.88 8.87 -25.32
C GLU B 85 4.58 9.79 -24.33
N ALA B 86 3.90 10.15 -23.24
CA ALA B 86 4.54 10.96 -22.21
C ALA B 86 5.61 10.16 -21.48
N ARG B 87 5.36 8.87 -21.27
CA ARG B 87 6.38 7.98 -20.69
C ARG B 87 7.59 7.88 -21.63
N LYS B 88 7.33 7.63 -22.92
CA LYS B 88 8.40 7.66 -23.91
C LYS B 88 9.03 9.04 -24.02
N ALA B 89 8.30 10.09 -23.64
CA ALA B 89 8.86 11.43 -23.62
C ALA B 89 9.65 11.68 -22.34
N ALA B 90 9.17 11.15 -21.21
CA ALA B 90 9.87 11.30 -19.94
C ALA B 90 11.21 10.57 -19.96
N GLU B 91 11.29 9.45 -20.69
CA GLU B 91 12.56 8.72 -20.74
C GLU B 91 13.61 9.48 -21.52
N GLU B 92 13.20 10.33 -22.47
CA GLU B 92 14.11 11.14 -23.28
C GLU B 92 14.10 12.61 -22.86
N SER B 93 13.83 12.88 -21.58
CA SER B 93 13.77 14.25 -21.09
C SER B 93 14.65 14.39 -19.85
N SER B 94 14.59 15.54 -19.18
CA SER B 94 15.46 15.77 -18.04
C SER B 94 14.79 16.68 -17.04
N GLY B 95 15.28 16.61 -15.80
CA GLY B 95 14.85 17.50 -14.74
C GLY B 95 13.35 17.58 -14.58
N LYS B 96 12.85 18.82 -14.54
CA LYS B 96 11.42 19.04 -14.39
C LYS B 96 10.65 18.52 -15.59
N GLY B 97 11.24 18.62 -16.79
CA GLY B 97 10.58 18.12 -17.99
C GLY B 97 10.16 16.68 -17.87
N LYS B 98 11.09 15.80 -17.46
CA LYS B 98 10.74 14.41 -17.20
C LYS B 98 9.70 14.31 -16.10
N GLU B 99 9.90 15.06 -15.01
CA GLU B 99 8.96 15.01 -13.89
C GLU B 99 7.56 15.40 -14.32
N ARG B 100 7.42 16.50 -15.07
CA ARG B 100 6.09 16.91 -15.50
C ARG B 100 5.47 15.89 -16.44
N LEU B 101 6.26 15.35 -17.38
CA LEU B 101 5.75 14.33 -18.28
C LEU B 101 5.52 13.01 -17.55
N THR B 102 6.24 12.77 -16.44
CA THR B 102 6.00 11.57 -15.65
C THR B 102 4.71 11.68 -14.86
N LEU B 103 4.47 12.85 -14.26
CA LEU B 103 3.21 13.10 -13.57
C LEU B 103 2.03 12.94 -14.53
N LEU B 104 2.14 13.52 -15.73
CA LEU B 104 1.08 13.39 -16.72
C LEU B 104 0.79 11.93 -17.05
N SER B 105 1.83 11.13 -17.24
CA SER B 105 1.62 9.72 -17.57
C SER B 105 0.93 8.99 -16.43
N PHE B 106 1.42 9.17 -15.20
CA PHE B 106 0.84 8.47 -14.06
C PHE B 106 -0.61 8.88 -13.83
N LEU B 107 -0.89 10.18 -13.84
CA LEU B 107 -2.24 10.66 -13.54
C LEU B 107 -3.23 10.30 -14.64
N LEU B 108 -2.78 10.29 -15.89
CA LEU B 108 -3.64 9.80 -16.97
C LEU B 108 -4.04 8.36 -16.72
N ARG B 109 -3.05 7.53 -16.38
CA ARG B 109 -3.29 6.11 -16.11
C ARG B 109 -4.19 5.94 -14.89
N LEU B 110 -4.03 6.81 -13.89
CA LEU B 110 -4.83 6.73 -12.68
C LEU B 110 -6.27 7.19 -12.90
N GLN B 111 -6.46 8.25 -13.71
CA GLN B 111 -7.80 8.79 -13.89
C GLN B 111 -8.71 7.86 -14.69
N VAL B 112 -8.16 7.20 -15.71
CA VAL B 112 -8.96 6.23 -16.46
C VAL B 112 -9.36 5.08 -15.54
N ARG B 113 -8.45 4.68 -14.64
CA ARG B 113 -8.77 3.64 -13.66
C ARG B 113 -9.93 4.06 -12.77
N LEU B 114 -9.81 5.22 -12.12
CA LEU B 114 -10.86 5.72 -11.26
C LEU B 114 -12.18 5.85 -12.01
N THR B 115 -12.13 6.33 -13.25
CA THR B 115 -13.36 6.55 -14.01
C THR B 115 -14.02 5.24 -14.40
N ARG B 116 -13.21 4.22 -14.72
CA ARG B 116 -13.78 2.95 -15.12
C ARG B 116 -14.33 2.17 -13.95
N GLU B 117 -13.73 2.35 -12.76
CA GLU B 117 -14.15 1.64 -11.56
C GLU B 117 -15.19 2.39 -10.74
N SER B 118 -15.78 3.45 -11.29
CA SER B 118 -16.82 4.19 -10.60
C SER B 118 -18.00 4.46 -11.55
N GLU B 119 -19.20 4.45 -10.99
CA GLU B 119 -20.43 4.63 -11.74
C GLU B 119 -21.07 5.99 -11.59
N ASP B 120 -20.71 6.76 -10.56
CA ASP B 120 -21.29 8.07 -10.33
C ASP B 120 -20.23 8.99 -9.73
N ASP B 121 -20.63 10.23 -9.45
CA ASP B 121 -19.68 11.23 -8.99
C ASP B 121 -19.20 10.97 -7.56
N GLU B 122 -20.05 10.38 -6.72
CA GLU B 122 -19.61 10.05 -5.37
C GLU B 122 -18.78 8.77 -5.35
N GLY B 123 -19.03 7.85 -6.28
CA GLY B 123 -18.16 6.70 -6.40
C GLY B 123 -16.76 7.09 -6.83
N TYR B 124 -16.64 8.11 -7.66
CA TYR B 124 -15.32 8.66 -7.96
C TYR B 124 -14.70 9.29 -6.73
N LEU B 125 -15.47 10.14 -6.03
CA LEU B 125 -14.94 10.84 -4.86
C LEU B 125 -14.53 9.87 -3.76
N THR B 126 -15.30 8.80 -3.59
CA THR B 126 -14.99 7.83 -2.54
C THR B 126 -13.73 7.04 -2.87
N LEU B 127 -13.59 6.60 -4.12
CA LEU B 127 -12.40 5.87 -4.52
C LEU B 127 -11.18 6.77 -4.55
N ALA B 128 -11.32 8.00 -5.05
CA ALA B 128 -10.21 8.94 -5.08
C ALA B 128 -9.71 9.29 -3.69
N THR B 129 -10.61 9.29 -2.69
CA THR B 129 -10.19 9.55 -1.32
C THR B 129 -9.22 8.47 -0.82
N VAL B 130 -9.46 7.22 -1.21
CA VAL B 130 -8.55 6.16 -0.80
C VAL B 130 -7.25 6.25 -1.59
N TYR B 131 -7.34 6.57 -2.88
CA TYR B 131 -6.13 6.77 -3.67
C TYR B 131 -5.33 7.96 -3.19
N TRP B 132 -6.01 8.98 -2.64
CA TRP B 132 -5.32 10.14 -2.09
C TRP B 132 -4.52 9.75 -0.86
N LEU B 133 -5.12 8.97 0.03
CA LEU B 133 -4.38 8.47 1.19
C LEU B 133 -3.24 7.56 0.75
N ALA B 134 -3.49 6.73 -0.27
CA ALA B 134 -2.44 5.90 -0.82
C ALA B 134 -1.28 6.75 -1.35
N ALA B 135 -1.60 7.88 -1.97
CA ALA B 135 -0.56 8.76 -2.51
C ALA B 135 0.31 9.34 -1.40
N LYS B 136 -0.32 9.79 -0.31
CA LYS B 136 0.46 10.26 0.83
C LYS B 136 1.37 9.17 1.36
N ILE B 137 0.85 7.94 1.46
CA ILE B 137 1.67 6.84 1.96
C ILE B 137 2.77 6.47 0.97
N ALA B 138 2.47 6.52 -0.32
CA ALA B 138 3.47 6.16 -1.33
C ALA B 138 4.63 7.13 -1.33
N LYS B 139 4.35 8.44 -1.21
CA LYS B 139 5.41 9.43 -1.21
C LYS B 139 6.32 9.26 0.01
N LYS B 140 5.72 9.10 1.19
CA LYS B 140 6.50 8.88 2.40
C LYS B 140 7.44 7.69 2.25
N LYS B 141 6.98 6.63 1.57
CA LYS B 141 7.85 5.50 1.31
C LYS B 141 9.01 5.87 0.40
N LEU B 142 8.77 6.76 -0.57
CA LEU B 142 9.85 7.22 -1.43
C LEU B 142 10.82 8.13 -0.69
N GLU B 143 10.34 8.86 0.31
CA GLU B 143 11.23 9.75 1.07
C GLU B 143 12.13 8.97 2.03
N GLU B 144 11.58 7.96 2.72
CA GLU B 144 12.39 7.20 3.67
C GLU B 144 13.43 6.33 2.96
N ASP B 145 13.13 5.86 1.76
CA ASP B 145 14.03 5.00 1.00
C ASP B 145 14.24 5.64 -0.37
N PRO B 146 15.38 6.28 -0.62
CA PRO B 146 15.61 6.86 -1.96
C PRO B 146 15.48 5.86 -3.08
N SER B 147 16.00 4.64 -2.89
CA SER B 147 15.85 3.51 -3.79
C SER B 147 15.78 3.88 -5.27
N ALA B 148 14.57 4.04 -5.78
CA ALA B 148 14.37 4.42 -7.18
C ALA B 148 13.02 5.11 -7.32
N SER B 149 12.98 6.16 -8.13
CA SER B 149 11.77 6.97 -8.26
C SER B 149 11.71 7.65 -9.63
N THR B 150 12.84 7.74 -10.32
CA THR B 150 12.82 8.24 -11.69
C THR B 150 12.00 7.33 -12.61
N ASP B 151 11.92 6.04 -12.30
CA ASP B 151 11.04 5.16 -13.05
C ASP B 151 9.58 5.51 -12.77
N LEU B 152 8.76 5.49 -13.82
CA LEU B 152 7.32 5.61 -13.61
C LEU B 152 6.79 4.43 -12.82
N GLU B 153 7.33 3.23 -13.08
CA GLU B 153 6.91 2.02 -12.41
C GLU B 153 7.33 1.99 -10.94
N GLY B 154 8.26 2.85 -10.53
CA GLY B 154 8.67 2.87 -9.14
C GLY B 154 7.67 3.65 -8.31
N ILE B 155 7.13 4.72 -8.87
CA ILE B 155 6.05 5.44 -8.21
C ILE B 155 4.79 4.58 -8.18
N GLU B 156 4.50 3.91 -9.29
CA GLU B 156 3.35 3.00 -9.32
C GLU B 156 3.52 1.87 -8.33
N LYS B 157 4.73 1.30 -8.24
CA LYS B 157 4.98 0.26 -7.26
C LYS B 157 4.84 0.79 -5.84
N ALA B 158 5.31 2.02 -5.60
CA ALA B 158 5.09 2.64 -4.30
C ALA B 158 3.62 2.96 -4.09
N PHE B 159 2.92 3.34 -5.15
CA PHE B 159 1.49 3.61 -5.01
C PHE B 159 0.71 2.35 -4.68
N GLU B 160 1.00 1.25 -5.38
CA GLU B 160 0.34 -0.02 -5.07
C GLU B 160 0.57 -0.42 -3.62
N GLU B 161 1.78 -0.22 -3.11
CA GLU B 161 2.06 -0.53 -1.72
C GLU B 161 1.32 0.43 -0.79
N GLY B 162 1.22 1.71 -1.17
CA GLY B 162 0.45 2.66 -0.39
C GLY B 162 -1.04 2.37 -0.42
N LEU B 163 -1.53 1.82 -1.53
CA LEU B 163 -2.95 1.48 -1.64
C LEU B 163 -3.33 0.33 -0.70
N GLU B 164 -2.46 -0.68 -0.57
CA GLU B 164 -2.76 -1.80 0.33
C GLU B 164 -2.87 -1.35 1.79
N GLU B 165 -1.97 -0.46 2.23
CA GLU B 165 -2.04 0.01 3.61
C GLU B 165 -3.19 0.97 3.85
N ALA B 166 -3.68 1.60 2.78
CA ALA B 166 -4.79 2.56 2.92
C ALA B 166 -6.12 1.84 3.13
N LYS B 167 -6.30 0.69 2.50
CA LYS B 167 -7.57 -0.03 2.62
C LYS B 167 -7.89 -0.41 4.06
N LYS B 168 -6.87 -0.61 4.88
CA LYS B 168 -7.06 -1.08 6.24
C LYS B 168 -6.68 -0.06 7.29
N ALA B 169 -6.49 1.20 6.89
CA ALA B 169 -6.22 2.26 7.84
C ALA B 169 -7.46 2.49 8.70
N PRO B 170 -7.29 3.07 9.89
CA PRO B 170 -8.45 3.36 10.74
C PRO B 170 -9.44 4.28 10.04
N GLU B 171 -10.64 4.34 10.61
CA GLU B 171 -11.67 5.20 10.03
C GLU B 171 -11.26 6.66 10.12
N GLU B 172 -10.70 7.09 11.25
CA GLU B 172 -10.34 8.49 11.44
C GLU B 172 -9.23 8.94 10.49
N GLU B 173 -8.32 8.03 10.14
CA GLU B 173 -7.25 8.40 9.21
C GLU B 173 -7.81 8.66 7.81
N ILE B 174 -8.65 7.75 7.30
CA ILE B 174 -9.25 7.94 5.99
C ILE B 174 -10.19 9.14 6.00
N LEU B 175 -10.91 9.35 7.10
CA LEU B 175 -11.82 10.49 7.21
C LEU B 175 -11.06 11.81 7.03
N LYS B 176 -9.99 12.00 7.79
CA LYS B 176 -9.22 13.22 7.66
C LYS B 176 -8.52 13.28 6.31
N ALA B 177 -8.09 12.13 5.78
CA ALA B 177 -7.50 12.10 4.45
C ALA B 177 -8.51 12.54 3.39
N GLY B 178 -9.80 12.27 3.62
CA GLY B 178 -10.81 12.71 2.67
C GLY B 178 -11.01 14.22 2.72
N PHE B 179 -11.00 14.80 3.92
CA PHE B 179 -11.10 16.23 4.05
C PHE B 179 -9.87 16.92 3.47
N ASP B 180 -8.71 16.27 3.53
CA ASP B 180 -7.52 16.83 2.91
C ASP B 180 -7.62 16.79 1.39
N TYR B 181 -8.13 15.67 0.85
CA TYR B 181 -8.37 15.61 -0.59
C TYR B 181 -9.35 16.69 -1.03
N PHE B 182 -10.46 16.86 -0.31
CA PHE B 182 -11.44 17.89 -0.67
C PHE B 182 -10.80 19.27 -0.68
N GLU B 183 -10.03 19.58 0.36
CA GLU B 183 -9.42 20.90 0.45
C GLU B 183 -8.40 21.11 -0.67
N LYS B 184 -7.49 20.15 -0.87
CA LYS B 184 -6.43 20.35 -1.85
C LYS B 184 -6.97 20.26 -3.28
N ALA B 185 -7.88 19.32 -3.55
CA ALA B 185 -8.41 19.22 -4.90
C ALA B 185 -9.15 20.49 -5.30
N LYS B 186 -9.77 21.17 -4.33
CA LYS B 186 -10.42 22.45 -4.62
C LYS B 186 -9.42 23.47 -5.16
N GLU B 187 -8.29 23.63 -4.47
CA GLU B 187 -7.26 24.57 -4.93
C GLU B 187 -6.67 24.14 -6.25
N ILE B 188 -6.32 22.85 -6.36
CA ILE B 188 -5.66 22.35 -7.56
C ILE B 188 -6.55 22.52 -8.79
N MET B 189 -7.84 22.17 -8.66
CA MET B 189 -8.73 22.19 -9.82
C MET B 189 -9.15 23.60 -10.21
N GLU B 190 -9.21 24.52 -9.25
CA GLU B 190 -9.55 25.90 -9.58
C GLU B 190 -8.47 26.53 -10.43
N LYS B 191 -7.20 26.36 -10.05
CA LYS B 191 -6.12 26.90 -10.86
C LYS B 191 -5.93 26.11 -12.15
N GLY B 192 -6.10 24.78 -12.08
CA GLY B 192 -5.89 23.96 -13.26
C GLY B 192 -6.89 24.23 -14.36
N ASN B 193 -8.17 24.35 -14.01
CA ASN B 193 -9.19 24.62 -15.02
C ASN B 193 -9.04 26.02 -15.59
N LYS B 194 -8.76 27.00 -14.72
CA LYS B 194 -8.53 28.36 -15.18
C LYS B 194 -7.34 28.40 -16.14
N GLU B 195 -6.31 27.59 -15.87
CA GLU B 195 -5.15 27.54 -16.74
C GLU B 195 -5.45 26.74 -18.01
N LEU B 196 -6.18 25.64 -17.90
CA LEU B 196 -6.55 24.87 -19.09
C LEU B 196 -7.41 25.71 -20.03
N ARG B 197 -8.32 26.49 -19.46
CA ARG B 197 -9.20 27.35 -20.24
C ARG B 197 -8.40 28.33 -21.10
N GLU B 198 -7.42 28.99 -20.49
CA GLU B 198 -6.60 29.97 -21.22
C GLU B 198 -5.71 29.31 -22.26
N LEU B 199 -5.24 28.09 -22.00
CA LEU B 199 -4.30 27.45 -22.92
C LEU B 199 -4.97 26.71 -24.07
N LEU B 200 -6.17 26.19 -23.87
CA LEU B 200 -6.83 25.36 -24.86
C LEU B 200 -7.77 26.14 -25.77
N PHE B 201 -8.17 27.35 -25.38
CA PHE B 201 -9.12 28.13 -26.17
C PHE B 201 -8.48 29.38 -26.74
#